data_5MFJ
#
_entry.id   5MFJ
#
_cell.length_a   51.110
_cell.length_b   89.250
_cell.length_c   107.190
_cell.angle_alpha   90.00
_cell.angle_beta   90.00
_cell.angle_gamma   90.00
#
_symmetry.space_group_name_H-M   'P 21 21 21'
#
loop_
_entity.id
_entity.type
_entity.pdbx_description
1 polymer YIII(Dq.V2)4CqI
2 polymer (KR)5
3 water water
#
loop_
_entity_poly.entity_id
_entity_poly.type
_entity_poly.pdbx_seq_one_letter_code
_entity_poly.pdbx_strand_id
1 'polypeptide(L)'
;GPGSELPQMVQQLNSPDQQELQSALRKLSQIASGGNEQIQKLIEAGALSPLVKLLDDASEEVIQEAVWAIANIASGNNEQ
IQKLIEAGALSPLVKLLDDASEEVIQEAVWAIANIASGNNEQIQKLIEAGALSPLVKLLDDASEEVIQEAVWAIANIASG
NNEQIQKLIEAGALSPLVKLLDDASEEVIQEAVWAIANIASGNNEQIQKLEEAGAEPALEKLQSSPNEEVQKNAQAALEA
LNS
;
A,B
2 'polypeptide(L)' KRKRKRKRKR C,D
#
# COMPACT_ATOMS: atom_id res chain seq x y z
N GLU A 5 18.38 18.47 7.61
CA GLU A 5 19.72 17.93 7.77
C GLU A 5 19.74 16.40 7.71
N LEU A 6 20.41 15.87 6.69
CA LEU A 6 20.54 14.43 6.42
C LEU A 6 21.38 13.65 7.47
N PRO A 7 22.55 14.15 8.00
CA PRO A 7 23.30 13.35 8.99
C PRO A 7 22.56 13.00 10.27
N GLN A 8 21.72 13.93 10.76
CA GLN A 8 20.91 13.71 11.97
C GLN A 8 19.83 12.66 11.69
N MET A 9 19.22 12.74 10.49
CA MET A 9 18.19 11.81 10.00
C MET A 9 18.73 10.36 9.97
N VAL A 10 19.99 10.19 9.48
CA VAL A 10 20.68 8.90 9.40
C VAL A 10 20.92 8.35 10.81
N GLN A 11 21.36 9.22 11.73
CA GLN A 11 21.60 8.86 13.12
C GLN A 11 20.31 8.36 13.77
N GLN A 12 19.18 9.03 13.47
CA GLN A 12 17.85 8.68 13.99
C GLN A 12 17.32 7.31 13.50
N LEU A 13 18.00 6.68 12.51
CA LEU A 13 17.62 5.37 11.97
C LEU A 13 17.98 4.20 12.90
N ASN A 14 18.77 4.47 13.97
CA ASN A 14 19.12 3.45 14.96
C ASN A 14 18.70 3.91 16.37
N SER A 15 17.72 4.84 16.42
CA SER A 15 17.15 5.40 17.65
C SER A 15 16.18 4.40 18.32
N PRO A 16 16.16 4.31 19.68
CA PRO A 16 15.23 3.38 20.33
C PRO A 16 13.76 3.83 20.25
N ASP A 17 13.51 5.17 20.24
CA ASP A 17 12.19 5.79 20.13
C ASP A 17 11.61 5.45 18.75
N GLN A 18 10.52 4.66 18.72
CA GLN A 18 9.88 4.24 17.47
C GLN A 18 9.25 5.38 16.66
N GLN A 19 8.83 6.48 17.33
CA GLN A 19 8.24 7.64 16.65
C GLN A 19 9.32 8.44 15.94
N GLU A 20 10.49 8.63 16.60
CA GLU A 20 11.64 9.34 16.07
C GLU A 20 12.23 8.56 14.88
N LEU A 21 12.21 7.21 14.96
CA LEU A 21 12.70 6.30 13.92
C LEU A 21 11.77 6.40 12.69
N GLN A 22 10.44 6.25 12.90
CA GLN A 22 9.44 6.29 11.82
C GLN A 22 9.44 7.64 11.08
N SER A 23 9.63 8.76 11.84
CA SER A 23 9.70 10.13 11.32
C SER A 23 10.93 10.33 10.44
N ALA A 24 12.10 9.79 10.88
CA ALA A 24 13.35 9.85 10.12
C ALA A 24 13.21 9.01 8.83
N LEU A 25 12.53 7.85 8.91
CA LEU A 25 12.27 6.94 7.77
C LEU A 25 11.39 7.61 6.72
N ARG A 26 10.30 8.30 7.16
CA ARG A 26 9.38 9.00 6.27
C ARG A 26 10.10 10.13 5.52
N LYS A 27 10.96 10.87 6.24
CA LYS A 27 11.80 11.95 5.70
C LYS A 27 12.76 11.35 4.63
N LEU A 28 13.41 10.20 4.95
CA LEU A 28 14.32 9.52 4.03
C LEU A 28 13.59 9.02 2.78
N SER A 29 12.41 8.39 2.97
CA SER A 29 11.56 7.88 1.89
C SER A 29 11.18 8.98 0.90
N GLN A 30 10.82 10.18 1.42
CA GLN A 30 10.46 11.35 0.62
C GLN A 30 11.65 11.79 -0.24
N ILE A 31 12.86 11.81 0.33
CA ILE A 31 14.09 12.16 -0.39
C ILE A 31 14.35 11.10 -1.48
N ALA A 32 14.20 9.80 -1.14
CA ALA A 32 14.41 8.67 -2.06
C ALA A 32 13.46 8.67 -3.27
N SER A 33 12.27 9.29 -3.15
CA SER A 33 11.31 9.37 -4.25
C SER A 33 11.48 10.62 -5.14
N GLY A 34 12.43 11.48 -4.80
CA GLY A 34 12.67 12.75 -5.49
C GLY A 34 13.67 12.80 -6.64
N GLY A 35 13.95 11.65 -7.26
CA GLY A 35 14.88 11.59 -8.38
C GLY A 35 16.29 11.19 -7.98
N ASN A 36 17.15 10.94 -8.99
CA ASN A 36 18.52 10.46 -8.82
C ASN A 36 19.45 11.40 -8.05
N GLU A 37 19.31 12.73 -8.23
CA GLU A 37 20.16 13.70 -7.49
C GLU A 37 19.87 13.60 -5.99
N GLN A 38 18.57 13.44 -5.62
CA GLN A 38 18.12 13.29 -4.23
C GLN A 38 18.62 11.93 -3.69
N ILE A 39 18.53 10.86 -4.50
CA ILE A 39 19.03 9.54 -4.10
C ILE A 39 20.52 9.64 -3.79
N GLN A 40 21.30 10.34 -4.63
CA GLN A 40 22.75 10.50 -4.43
C GLN A 40 23.07 11.15 -3.09
N LYS A 41 22.24 12.10 -2.64
CA LYS A 41 22.41 12.76 -1.33
C LYS A 41 22.31 11.73 -0.20
N LEU A 42 21.38 10.76 -0.33
CA LEU A 42 21.19 9.69 0.65
C LEU A 42 22.41 8.78 0.72
N ILE A 43 22.97 8.40 -0.44
CA ILE A 43 24.17 7.58 -0.52
C ILE A 43 25.34 8.29 0.18
N GLU A 44 25.60 9.55 -0.20
CA GLU A 44 26.69 10.38 0.34
C GLU A 44 26.56 10.60 1.85
N ALA A 45 25.32 10.62 2.38
CA ALA A 45 25.04 10.77 3.82
C ALA A 45 25.21 9.45 4.59
N GLY A 46 25.50 8.35 3.88
CA GLY A 46 25.69 7.03 4.45
C GLY A 46 24.39 6.42 4.95
N ALA A 47 23.27 6.70 4.24
CA ALA A 47 21.95 6.20 4.65
C ALA A 47 21.64 4.75 4.29
N LEU A 48 22.30 4.19 3.25
CA LEU A 48 21.94 2.86 2.76
C LEU A 48 22.17 1.71 3.74
N SER A 49 23.36 1.65 4.40
CA SER A 49 23.65 0.59 5.37
CA SER A 49 23.63 0.58 5.36
C SER A 49 22.61 0.60 6.52
N PRO A 50 22.36 1.75 7.22
CA PRO A 50 21.33 1.74 8.30
C PRO A 50 19.92 1.38 7.80
N LEU A 51 19.58 1.80 6.56
N LEU A 51 19.57 1.81 6.58
CA LEU A 51 18.29 1.50 5.94
CA LEU A 51 18.26 1.53 5.99
C LEU A 51 18.10 0.02 5.76
C LEU A 51 18.08 0.02 5.71
N VAL A 52 19.13 -0.66 5.22
CA VAL A 52 19.11 -2.09 4.96
C VAL A 52 19.00 -2.87 6.27
N LYS A 53 19.68 -2.41 7.33
CA LYS A 53 19.64 -3.06 8.64
C LYS A 53 18.23 -3.09 9.23
N LEU A 54 17.39 -2.08 8.90
CA LEU A 54 15.97 -2.00 9.35
C LEU A 54 15.06 -3.07 8.72
N LEU A 55 15.58 -3.87 7.76
CA LEU A 55 14.77 -4.94 7.14
C LEU A 55 14.61 -6.16 8.05
N ASP A 56 15.48 -6.28 9.08
CA ASP A 56 15.50 -7.39 10.04
C ASP A 56 14.76 -7.13 11.36
N ASP A 57 14.44 -5.86 11.69
CA ASP A 57 13.83 -5.49 12.97
C ASP A 57 12.40 -6.04 13.17
N ALA A 58 11.97 -6.12 14.44
CA ALA A 58 10.68 -6.67 14.88
C ALA A 58 9.42 -6.02 14.30
N SER A 59 9.42 -4.69 14.10
CA SER A 59 8.24 -3.96 13.62
C SER A 59 8.02 -4.04 12.11
N GLU A 60 6.87 -4.63 11.70
CA GLU A 60 6.45 -4.75 10.29
C GLU A 60 6.17 -3.34 9.71
N GLU A 61 5.78 -2.38 10.57
CA GLU A 61 5.53 -0.98 10.20
C GLU A 61 6.84 -0.33 9.73
N VAL A 62 7.94 -0.57 10.49
CA VAL A 62 9.27 -0.06 10.14
C VAL A 62 9.78 -0.73 8.84
N ILE A 63 9.62 -2.07 8.73
CA ILE A 63 10.07 -2.84 7.55
C ILE A 63 9.38 -2.30 6.29
N GLN A 64 8.05 -2.15 6.34
CA GLN A 64 7.23 -1.65 5.22
C GLN A 64 7.80 -0.32 4.67
N GLU A 65 8.03 0.68 5.56
CA GLU A 65 8.58 1.98 5.18
C GLU A 65 10.01 1.87 4.64
N ALA A 66 10.83 0.98 5.26
CA ALA A 66 12.21 0.77 4.81
C ALA A 66 12.24 0.15 3.42
N VAL A 67 11.36 -0.83 3.14
N VAL A 67 11.35 -0.82 3.14
CA VAL A 67 11.29 -1.48 1.83
CA VAL A 67 11.31 -1.47 1.80
C VAL A 67 10.89 -0.44 0.78
C VAL A 67 10.85 -0.48 0.72
N TRP A 68 9.87 0.39 1.09
N TRP A 68 9.91 0.43 1.06
CA TRP A 68 9.41 1.47 0.21
CA TRP A 68 9.43 1.47 0.14
C TRP A 68 10.59 2.38 -0.18
C TRP A 68 10.59 2.41 -0.20
N ALA A 69 11.38 2.80 0.81
CA ALA A 69 12.55 3.68 0.62
C ALA A 69 13.58 3.01 -0.29
N ILE A 70 13.89 1.72 -0.03
CA ILE A 70 14.84 0.92 -0.82
C ILE A 70 14.33 0.77 -2.25
N ALA A 71 13.02 0.52 -2.43
CA ALA A 71 12.47 0.36 -3.78
C ALA A 71 12.67 1.65 -4.61
N ASN A 72 12.53 2.81 -3.96
CA ASN A 72 12.74 4.09 -4.63
C ASN A 72 14.22 4.35 -4.92
N ILE A 73 15.12 3.97 -4.01
CA ILE A 73 16.57 4.12 -4.26
C ILE A 73 16.94 3.25 -5.48
N ALA A 74 16.31 2.05 -5.58
CA ALA A 74 16.55 1.12 -6.68
C ALA A 74 16.05 1.64 -8.04
N SER A 75 15.24 2.74 -8.05
CA SER A 75 14.78 3.38 -9.28
C SER A 75 15.84 4.35 -9.81
N GLY A 76 16.94 4.46 -9.08
CA GLY A 76 18.08 5.30 -9.41
C GLY A 76 18.87 4.72 -10.57
N ASN A 77 20.04 5.30 -10.87
CA ASN A 77 20.87 4.78 -11.97
C ASN A 77 21.58 3.48 -11.53
N ASN A 78 22.27 2.79 -12.48
CA ASN A 78 22.94 1.51 -12.14
C ASN A 78 23.99 1.64 -11.03
N GLU A 79 24.73 2.76 -10.98
CA GLU A 79 25.72 2.99 -9.93
C GLU A 79 25.04 3.10 -8.56
N GLN A 80 23.80 3.62 -8.53
CA GLN A 80 23.01 3.76 -7.29
C GLN A 80 22.46 2.40 -6.84
N ILE A 81 22.00 1.59 -7.83
CA ILE A 81 21.59 0.21 -7.56
C ILE A 81 22.82 -0.53 -7.00
N GLN A 82 24.01 -0.29 -7.59
CA GLN A 82 25.23 -0.93 -7.14
C GLN A 82 25.51 -0.61 -5.68
N LYS A 83 25.30 0.65 -5.24
CA LYS A 83 25.50 1.01 -3.83
C LYS A 83 24.51 0.28 -2.90
N LEU A 84 23.29 0.07 -3.39
CA LEU A 84 22.26 -0.66 -2.65
C LEU A 84 22.71 -2.13 -2.48
N ILE A 85 23.22 -2.76 -3.56
CA ILE A 85 23.72 -4.14 -3.49
C ILE A 85 24.90 -4.22 -2.49
N GLU A 86 25.85 -3.27 -2.59
CA GLU A 86 27.02 -3.21 -1.70
C GLU A 86 26.62 -3.01 -0.23
N ALA A 87 25.46 -2.40 0.02
CA ALA A 87 24.93 -2.18 1.37
C ALA A 87 24.26 -3.44 1.96
N GLY A 88 24.22 -4.52 1.17
CA GLY A 88 23.68 -5.82 1.54
C GLY A 88 22.18 -5.94 1.42
N ALA A 89 21.56 -5.18 0.49
CA ALA A 89 20.09 -5.20 0.39
C ALA A 89 19.46 -6.48 -0.15
N LEU A 90 20.17 -7.24 -1.00
CA LEU A 90 19.53 -8.35 -1.71
C LEU A 90 19.09 -9.53 -0.84
N SER A 91 19.97 -10.06 0.04
CA SER A 91 19.57 -11.20 0.87
C SER A 91 18.34 -10.85 1.74
N PRO A 92 18.27 -9.73 2.51
CA PRO A 92 17.04 -9.44 3.26
C PRO A 92 15.80 -9.19 2.40
N LEU A 93 15.96 -8.59 1.17
CA LEU A 93 14.79 -8.38 0.30
C LEU A 93 14.24 -9.73 -0.17
N VAL A 94 15.13 -10.65 -0.56
CA VAL A 94 14.71 -11.99 -1.00
C VAL A 94 14.02 -12.75 0.14
N LYS A 95 14.55 -12.61 1.37
CA LYS A 95 14.03 -13.27 2.57
C LYS A 95 12.59 -12.85 2.85
N LEU A 96 12.23 -11.57 2.54
CA LEU A 96 10.88 -11.08 2.78
C LEU A 96 9.84 -11.79 1.93
N LEU A 97 10.22 -12.28 0.73
CA LEU A 97 9.31 -12.99 -0.17
C LEU A 97 8.73 -14.28 0.42
N ASP A 98 9.38 -14.85 1.47
CA ASP A 98 8.94 -16.11 2.09
C ASP A 98 8.10 -15.98 3.36
N ASP A 99 8.48 -15.11 4.31
CA ASP A 99 7.80 -15.03 5.61
C ASP A 99 7.03 -13.72 5.92
N ALA A 100 7.29 -12.62 5.20
CA ALA A 100 6.61 -11.34 5.45
C ALA A 100 5.13 -11.33 5.01
N SER A 101 4.39 -10.25 5.35
CA SER A 101 2.97 -10.06 4.98
C SER A 101 2.85 -9.77 3.48
N GLU A 102 1.64 -9.99 2.89
CA GLU A 102 1.37 -9.74 1.46
C GLU A 102 1.68 -8.29 1.03
N GLU A 103 1.39 -7.32 1.92
CA GLU A 103 1.69 -5.90 1.68
C GLU A 103 3.21 -5.69 1.61
N VAL A 104 3.98 -6.32 2.54
CA VAL A 104 5.45 -6.17 2.55
C VAL A 104 6.01 -6.88 1.29
N ILE A 105 5.47 -8.07 0.97
CA ILE A 105 5.91 -8.85 -0.21
C ILE A 105 5.80 -8.02 -1.50
N GLN A 106 4.64 -7.34 -1.73
CA GLN A 106 4.43 -6.50 -2.91
C GLN A 106 5.53 -5.43 -3.07
N GLU A 107 5.89 -4.75 -1.97
CA GLU A 107 6.94 -3.72 -2.00
C GLU A 107 8.30 -4.34 -2.23
N ALA A 108 8.57 -5.54 -1.63
CA ALA A 108 9.85 -6.21 -1.84
C ALA A 108 10.00 -6.63 -3.30
N VAL A 109 8.90 -7.10 -3.91
CA VAL A 109 8.92 -7.50 -5.34
C VAL A 109 9.23 -6.28 -6.22
N TRP A 110 8.65 -5.11 -5.91
N TRP A 110 8.66 -5.09 -5.91
CA TRP A 110 8.89 -3.87 -6.67
CA TRP A 110 8.89 -3.85 -6.66
C TRP A 110 10.38 -3.48 -6.55
C TRP A 110 10.37 -3.47 -6.55
N ALA A 111 10.95 -3.57 -5.34
CA ALA A 111 12.38 -3.27 -5.11
C ALA A 111 13.23 -4.19 -5.98
N ILE A 112 12.95 -5.52 -5.92
CA ILE A 112 13.68 -6.53 -6.70
C ILE A 112 13.55 -6.26 -8.20
N ALA A 113 12.32 -5.97 -8.68
CA ALA A 113 12.09 -5.66 -10.11
C ALA A 113 12.97 -4.45 -10.55
N ASN A 114 13.04 -3.41 -9.70
CA ASN A 114 13.87 -2.24 -10.00
C ASN A 114 15.35 -2.61 -10.04
N ILE A 115 15.81 -3.44 -9.09
CA ILE A 115 17.21 -3.88 -9.11
C ILE A 115 17.49 -4.67 -10.38
N ALA A 116 16.51 -5.53 -10.80
CA ALA A 116 16.66 -6.36 -11.99
C ALA A 116 16.70 -5.55 -13.28
N SER A 117 16.33 -4.24 -13.21
CA SER A 117 16.39 -3.39 -14.40
C SER A 117 17.82 -2.87 -14.61
N GLY A 118 18.72 -3.25 -13.69
CA GLY A 118 20.12 -2.87 -13.75
C GLY A 118 20.88 -3.67 -14.80
N ASN A 119 22.21 -3.70 -14.67
CA ASN A 119 23.04 -4.43 -15.63
C ASN A 119 23.04 -5.93 -15.33
N ASN A 120 23.60 -6.74 -16.25
CA ASN A 120 23.66 -8.19 -16.06
C ASN A 120 24.41 -8.65 -14.82
N GLU A 121 25.45 -7.91 -14.39
CA GLU A 121 26.15 -8.28 -13.15
C GLU A 121 25.23 -8.13 -11.93
N GLN A 122 24.35 -7.11 -11.96
CA GLN A 122 23.35 -6.86 -10.91
C GLN A 122 22.26 -7.93 -10.93
N ILE A 123 21.80 -8.33 -12.13
CA ILE A 123 20.85 -9.45 -12.25
C ILE A 123 21.52 -10.70 -11.67
N GLN A 124 22.84 -10.89 -11.93
CA GLN A 124 23.55 -12.06 -11.41
C GLN A 124 23.53 -12.09 -9.89
N LYS A 125 23.75 -10.92 -9.24
CA LYS A 125 23.72 -10.83 -7.79
C LYS A 125 22.31 -11.18 -7.25
N LEU A 126 21.24 -10.76 -7.97
CA LEU A 126 19.88 -11.15 -7.57
C LEU A 126 19.69 -12.66 -7.62
N ILE A 127 20.19 -13.31 -8.69
CA ILE A 127 20.11 -14.76 -8.84
C ILE A 127 20.86 -15.43 -7.70
N GLU A 128 22.11 -14.98 -7.43
CA GLU A 128 22.91 -15.54 -6.34
C GLU A 128 22.24 -15.38 -4.96
N ALA A 129 21.47 -14.29 -4.75
CA ALA A 129 20.75 -14.07 -3.50
C ALA A 129 19.49 -14.97 -3.37
N GLY A 130 19.19 -15.73 -4.42
CA GLY A 130 18.07 -16.67 -4.44
C GLY A 130 16.72 -16.10 -4.82
N ALA A 131 16.70 -15.04 -5.64
CA ALA A 131 15.42 -14.42 -6.00
C ALA A 131 14.51 -15.25 -6.90
N LEU A 132 15.08 -16.13 -7.74
CA LEU A 132 14.25 -16.76 -8.77
C LEU A 132 13.15 -17.69 -8.26
N SER A 133 13.46 -18.65 -7.38
CA SER A 133 12.42 -19.57 -6.90
C SER A 133 11.23 -18.83 -6.26
N PRO A 134 11.41 -17.89 -5.29
CA PRO A 134 10.23 -17.23 -4.73
C PRO A 134 9.47 -16.35 -5.72
N LEU A 135 10.17 -15.73 -6.70
CA LEU A 135 9.50 -14.93 -7.72
C LEU A 135 8.60 -15.81 -8.60
N VAL A 136 9.13 -16.96 -9.06
CA VAL A 136 8.36 -17.90 -9.89
C VAL A 136 7.14 -18.40 -9.12
N LYS A 137 7.33 -18.70 -7.83
CA LYS A 137 6.25 -19.17 -6.95
C LYS A 137 5.10 -18.14 -6.90
N LEU A 138 5.44 -16.84 -6.88
CA LEU A 138 4.46 -15.77 -6.82
C LEU A 138 3.56 -15.68 -8.07
N LEU A 139 4.03 -16.15 -9.23
CA LEU A 139 3.27 -16.13 -10.49
C LEU A 139 1.91 -16.83 -10.45
N ASP A 140 1.66 -17.73 -9.46
CA ASP A 140 0.39 -18.47 -9.42
C ASP A 140 -0.39 -18.39 -8.10
N ASP A 141 0.28 -18.20 -6.95
CA ASP A 141 -0.41 -18.19 -5.64
C ASP A 141 -0.82 -16.80 -5.15
N ALA A 142 -0.04 -15.76 -5.49
CA ALA A 142 -0.27 -14.39 -5.07
C ALA A 142 -1.51 -13.72 -5.71
N SER A 143 -1.84 -12.49 -5.25
CA SER A 143 -2.95 -11.68 -5.78
C SER A 143 -2.57 -11.12 -7.15
N GLU A 144 -3.57 -10.72 -7.97
CA GLU A 144 -3.38 -10.16 -9.32
CA GLU A 144 -3.34 -10.18 -9.32
C GLU A 144 -2.39 -8.98 -9.31
N GLU A 145 -2.47 -8.14 -8.26
CA GLU A 145 -1.61 -7.00 -8.07
C GLU A 145 -0.14 -7.42 -7.85
N VAL A 146 0.09 -8.49 -7.04
CA VAL A 146 1.45 -8.99 -6.76
C VAL A 146 1.98 -9.73 -8.00
N ILE A 147 1.08 -10.47 -8.72
CA ILE A 147 1.46 -11.19 -9.96
C ILE A 147 2.05 -10.21 -10.97
N GLN A 148 1.41 -9.03 -11.16
CA GLN A 148 1.86 -7.99 -12.08
C GLN A 148 3.29 -7.53 -11.78
N GLU A 149 3.63 -7.37 -10.48
CA GLU A 149 4.99 -6.96 -10.08
C GLU A 149 5.97 -8.09 -10.30
N ALA A 150 5.57 -9.34 -9.97
CA ALA A 150 6.42 -10.52 -10.10
C ALA A 150 6.78 -10.78 -11.57
N VAL A 151 5.79 -10.70 -12.49
CA VAL A 151 6.05 -10.92 -13.93
CA VAL A 151 6.08 -10.94 -13.91
C VAL A 151 7.02 -9.85 -14.47
N TRP A 152 6.87 -8.59 -14.02
CA TRP A 152 7.74 -7.49 -14.44
C TRP A 152 9.19 -7.80 -13.97
N ALA A 153 9.35 -8.27 -12.71
CA ALA A 153 10.68 -8.64 -12.17
C ALA A 153 11.30 -9.73 -13.04
N ILE A 154 10.49 -10.78 -13.36
CA ILE A 154 10.96 -11.91 -14.19
CA ILE A 154 10.91 -11.91 -14.21
C ILE A 154 11.29 -11.44 -15.61
N ALA A 155 10.48 -10.55 -16.19
CA ALA A 155 10.74 -10.02 -17.53
C ALA A 155 12.10 -9.29 -17.54
N ASN A 156 12.42 -8.54 -16.47
CA ASN A 156 13.71 -7.85 -16.34
C ASN A 156 14.87 -8.84 -16.25
N ILE A 157 14.72 -9.90 -15.43
CA ILE A 157 15.74 -10.95 -15.31
C ILE A 157 15.94 -11.65 -16.67
N ALA A 158 14.82 -11.91 -17.40
CA ALA A 158 14.84 -12.55 -18.72
C ALA A 158 15.56 -11.71 -19.80
N SER A 159 15.77 -10.41 -19.54
N SER A 159 15.76 -10.42 -19.51
CA SER A 159 16.48 -9.52 -20.46
CA SER A 159 16.47 -9.49 -20.40
C SER A 159 18.00 -9.65 -20.28
C SER A 159 18.00 -9.57 -20.20
N GLY A 160 18.42 -10.47 -19.31
CA GLY A 160 19.83 -10.73 -19.03
C GLY A 160 20.46 -11.65 -20.07
N ASN A 161 21.63 -12.25 -19.75
CA ASN A 161 22.31 -13.12 -20.70
C ASN A 161 21.70 -14.54 -20.75
N ASN A 162 22.17 -15.41 -21.67
CA ASN A 162 21.63 -16.78 -21.82
C ASN A 162 21.78 -17.65 -20.59
N GLU A 163 22.86 -17.45 -19.81
CA GLU A 163 23.06 -18.20 -18.57
C GLU A 163 22.02 -17.82 -17.52
N GLN A 164 21.53 -16.56 -17.55
CA GLN A 164 20.52 -16.05 -16.62
C GLN A 164 19.13 -16.51 -17.06
N ILE A 165 18.91 -16.59 -18.39
CA ILE A 165 17.66 -17.14 -18.93
C ILE A 165 17.57 -18.62 -18.49
N GLN A 166 18.71 -19.36 -18.59
CA GLN A 166 18.80 -20.74 -18.17
C GLN A 166 18.39 -20.91 -16.70
N LYS A 167 18.86 -20.01 -15.81
CA LYS A 167 18.50 -20.07 -14.39
C LYS A 167 16.97 -19.88 -14.21
N LEU A 168 16.34 -19.00 -15.01
CA LEU A 168 14.87 -18.81 -14.96
C LEU A 168 14.16 -20.08 -15.38
N ILE A 169 14.66 -20.74 -16.44
CA ILE A 169 14.07 -22.00 -16.91
C ILE A 169 14.18 -23.06 -15.82
N GLU A 170 15.36 -23.16 -15.18
CA GLU A 170 15.59 -24.15 -14.11
C GLU A 170 14.73 -23.87 -12.88
N ALA A 171 14.37 -22.59 -12.66
CA ALA A 171 13.50 -22.18 -11.55
C ALA A 171 12.01 -22.47 -11.85
N GLY A 172 11.73 -22.99 -13.04
CA GLY A 172 10.40 -23.37 -13.47
C GLY A 172 9.53 -22.24 -13.96
N ALA A 173 10.13 -21.20 -14.57
CA ALA A 173 9.38 -20.02 -15.02
C ALA A 173 8.51 -20.21 -16.28
N LEU A 174 8.86 -21.15 -17.18
CA LEU A 174 8.17 -21.25 -18.46
C LEU A 174 6.69 -21.61 -18.39
N SER A 175 6.33 -22.64 -17.61
CA SER A 175 4.92 -23.06 -17.50
C SER A 175 4.04 -21.89 -16.99
N PRO A 176 4.36 -21.21 -15.85
CA PRO A 176 3.50 -20.09 -15.45
C PRO A 176 3.53 -18.89 -16.38
N LEU A 177 4.68 -18.60 -17.06
CA LEU A 177 4.75 -17.49 -18.02
C LEU A 177 3.81 -17.75 -19.21
N VAL A 178 3.82 -18.99 -19.74
CA VAL A 178 2.95 -19.38 -20.86
C VAL A 178 1.48 -19.23 -20.47
N LYS A 179 1.13 -19.64 -19.24
CA LYS A 179 -0.23 -19.51 -18.71
C LYS A 179 -0.65 -18.04 -18.61
N LEU A 180 0.30 -17.13 -18.27
CA LEU A 180 0.02 -15.70 -18.12
C LEU A 180 -0.16 -14.96 -19.47
N LEU A 181 0.15 -15.64 -20.62
CA LEU A 181 -0.07 -15.04 -21.95
C LEU A 181 -1.58 -14.94 -22.25
N ASP A 182 -2.40 -15.73 -21.52
CA ASP A 182 -3.86 -15.75 -21.62
C ASP A 182 -4.51 -15.22 -20.32
N ASP A 183 -3.79 -14.35 -19.59
CA ASP A 183 -4.28 -13.72 -18.36
C ASP A 183 -5.28 -12.62 -18.73
N ALA A 184 -6.24 -12.32 -17.83
CA ALA A 184 -7.27 -11.30 -18.03
C ALA A 184 -6.70 -9.88 -18.24
N SER A 185 -5.62 -9.53 -17.50
CA SER A 185 -4.98 -8.21 -17.57
C SER A 185 -3.98 -8.09 -18.72
N GLU A 186 -4.13 -7.02 -19.53
CA GLU A 186 -3.26 -6.70 -20.67
C GLU A 186 -1.85 -6.32 -20.19
N GLU A 187 -1.75 -5.66 -19.01
CA GLU A 187 -0.48 -5.27 -18.40
C GLU A 187 0.32 -6.52 -18.02
N VAL A 188 -0.37 -7.60 -17.59
CA VAL A 188 0.24 -8.89 -17.26
C VAL A 188 0.74 -9.54 -18.56
N ILE A 189 -0.11 -9.58 -19.63
CA ILE A 189 0.25 -10.14 -20.94
C ILE A 189 1.49 -9.40 -21.50
N GLN A 190 1.52 -8.05 -21.39
CA GLN A 190 2.64 -7.21 -21.86
C GLN A 190 4.00 -7.64 -21.32
N GLU A 191 4.10 -7.88 -19.99
N GLU A 191 4.10 -7.88 -19.99
CA GLU A 191 5.34 -8.32 -19.37
CA GLU A 191 5.34 -8.32 -19.35
C GLU A 191 5.62 -9.80 -19.67
C GLU A 191 5.63 -9.79 -19.66
N ALA A 192 4.57 -10.64 -19.67
CA ALA A 192 4.66 -12.07 -19.98
C ALA A 192 5.19 -12.30 -21.40
N VAL A 193 4.67 -11.55 -22.38
CA VAL A 193 5.08 -11.65 -23.78
C VAL A 193 6.52 -11.11 -23.99
N TRP A 194 6.94 -10.08 -23.22
N TRP A 194 6.93 -10.09 -23.21
CA TRP A 194 8.31 -9.55 -23.33
CA TRP A 194 8.29 -9.53 -23.30
C TRP A 194 9.32 -10.57 -22.80
C TRP A 194 9.31 -10.56 -22.79
N ALA A 195 8.98 -11.24 -21.68
CA ALA A 195 9.81 -12.28 -21.06
C ALA A 195 9.96 -13.47 -22.01
N ILE A 196 8.83 -13.96 -22.59
CA ILE A 196 8.84 -15.05 -23.57
C ILE A 196 9.71 -14.67 -24.77
N ALA A 197 9.54 -13.44 -25.32
CA ALA A 197 10.32 -12.95 -26.47
C ALA A 197 11.82 -12.91 -26.18
N ASN A 198 12.19 -12.58 -24.93
CA ASN A 198 13.59 -12.56 -24.48
C ASN A 198 14.15 -13.96 -24.40
N ILE A 199 13.38 -14.91 -23.81
CA ILE A 199 13.75 -16.34 -23.72
C ILE A 199 13.87 -16.93 -25.14
N ALA A 200 12.97 -16.52 -26.07
CA ALA A 200 12.94 -16.93 -27.48
C ALA A 200 14.20 -16.49 -28.22
N SER A 201 14.86 -15.41 -27.74
CA SER A 201 16.10 -14.89 -28.30
C SER A 201 17.35 -15.60 -27.71
N GLY A 202 17.10 -16.59 -26.85
CA GLY A 202 18.15 -17.41 -26.24
C GLY A 202 18.67 -18.48 -27.20
N ASN A 203 19.31 -19.52 -26.66
CA ASN A 203 19.85 -20.60 -27.49
C ASN A 203 18.75 -21.58 -27.95
N ASN A 204 19.09 -22.49 -28.88
CA ASN A 204 18.16 -23.49 -29.43
C ASN A 204 17.54 -24.42 -28.38
N GLU A 205 18.34 -24.81 -27.35
CA GLU A 205 17.92 -25.63 -26.22
C GLU A 205 16.81 -24.90 -25.43
N GLN A 206 16.99 -23.59 -25.24
CA GLN A 206 16.02 -22.73 -24.53
C GLN A 206 14.75 -22.55 -25.37
N ILE A 207 14.91 -22.42 -26.72
CA ILE A 207 13.79 -22.32 -27.66
C ILE A 207 12.94 -23.60 -27.60
N GLN A 208 13.60 -24.79 -27.53
CA GLN A 208 12.93 -26.08 -27.42
C GLN A 208 12.13 -26.19 -26.12
N LYS A 209 12.68 -25.65 -25.00
CA LYS A 209 11.97 -25.63 -23.72
C LYS A 209 10.71 -24.74 -23.83
N LEU A 210 10.80 -23.62 -24.58
CA LEU A 210 9.63 -22.74 -24.79
C LEU A 210 8.57 -23.50 -25.58
N GLU A 211 8.97 -24.22 -26.64
N GLU A 211 8.99 -24.23 -26.63
CA GLU A 211 8.04 -25.01 -27.44
CA GLU A 211 8.09 -25.03 -27.47
C GLU A 211 7.35 -26.09 -26.61
C GLU A 211 7.36 -26.07 -26.60
N GLU A 212 8.12 -26.81 -25.76
CA GLU A 212 7.60 -27.85 -24.86
C GLU A 212 6.61 -27.30 -23.82
N ALA A 213 6.78 -26.02 -23.42
CA ALA A 213 5.88 -25.35 -22.49
C ALA A 213 4.57 -24.87 -23.17
N GLY A 214 4.46 -25.08 -24.49
CA GLY A 214 3.28 -24.72 -25.25
C GLY A 214 3.19 -23.26 -25.64
N ALA A 215 4.34 -22.59 -25.77
CA ALA A 215 4.39 -21.17 -26.12
C ALA A 215 3.85 -20.83 -27.50
N GLU A 216 4.07 -21.70 -28.52
CA GLU A 216 3.67 -21.44 -29.90
C GLU A 216 2.15 -21.14 -30.05
N PRO A 217 1.20 -22.03 -29.64
CA PRO A 217 -0.22 -21.66 -29.77
C PRO A 217 -0.64 -20.46 -28.92
N ALA A 218 0.01 -20.28 -27.74
CA ALA A 218 -0.27 -19.15 -26.85
C ALA A 218 0.16 -17.83 -27.52
N LEU A 219 1.32 -17.83 -28.21
CA LEU A 219 1.81 -16.65 -28.93
C LEU A 219 1.01 -16.38 -30.21
N GLU A 220 0.51 -17.45 -30.87
CA GLU A 220 -0.30 -17.31 -32.09
C GLU A 220 -1.63 -16.60 -31.80
N LYS A 221 -2.18 -16.79 -30.58
CA LYS A 221 -3.41 -16.15 -30.12
C LYS A 221 -3.23 -14.63 -29.97
N LEU A 222 -2.00 -14.19 -29.62
CA LEU A 222 -1.66 -12.79 -29.39
C LEU A 222 -1.22 -11.99 -30.62
N GLN A 223 -1.00 -12.65 -31.79
CA GLN A 223 -0.60 -11.90 -32.99
C GLN A 223 -1.80 -11.15 -33.64
N SER A 224 -2.98 -11.23 -33.00
CA SER A 224 -4.24 -10.58 -33.40
C SER A 224 -4.75 -9.63 -32.30
N SER A 225 -3.91 -9.35 -31.29
CA SER A 225 -4.24 -8.49 -30.14
C SER A 225 -4.45 -7.01 -30.52
N PRO A 226 -5.41 -6.30 -29.88
CA PRO A 226 -5.59 -4.87 -30.18
C PRO A 226 -4.41 -4.02 -29.69
N ASN A 227 -3.71 -4.49 -28.64
CA ASN A 227 -2.54 -3.86 -28.06
C ASN A 227 -1.34 -4.13 -29.00
N GLU A 228 -0.82 -3.06 -29.62
CA GLU A 228 0.30 -3.12 -30.57
C GLU A 228 1.61 -3.62 -29.96
N GLU A 229 1.89 -3.28 -28.69
CA GLU A 229 3.11 -3.70 -27.99
C GLU A 229 3.13 -5.23 -27.82
N VAL A 230 1.97 -5.83 -27.49
CA VAL A 230 1.77 -7.28 -27.32
C VAL A 230 2.02 -7.99 -28.68
N GLN A 231 1.43 -7.46 -29.76
N GLN A 231 1.43 -7.46 -29.78
CA GLN A 231 1.52 -7.98 -31.13
CA GLN A 231 1.53 -8.00 -31.13
C GLN A 231 2.97 -8.10 -31.65
C GLN A 231 2.98 -8.12 -31.62
N LYS A 232 3.79 -7.05 -31.43
CA LYS A 232 5.21 -6.98 -31.85
C LYS A 232 6.07 -8.05 -31.16
N ASN A 233 5.92 -8.18 -29.82
CA ASN A 233 6.66 -9.15 -29.01
C ASN A 233 6.25 -10.58 -29.36
N ALA A 234 4.93 -10.81 -29.59
CA ALA A 234 4.37 -12.12 -29.98
C ALA A 234 4.96 -12.56 -31.31
N GLN A 235 4.98 -11.65 -32.32
CA GLN A 235 5.52 -11.88 -33.66
C GLN A 235 7.02 -12.24 -33.60
N ALA A 236 7.80 -11.47 -32.81
CA ALA A 236 9.23 -11.67 -32.61
C ALA A 236 9.52 -13.07 -32.03
N ALA A 237 8.79 -13.44 -30.95
CA ALA A 237 8.94 -14.73 -30.29
C ALA A 237 8.57 -15.89 -31.24
N LEU A 238 7.51 -15.72 -32.06
CA LEU A 238 7.08 -16.72 -33.03
C LEU A 238 8.11 -16.96 -34.13
N GLU A 239 8.74 -15.87 -34.62
CA GLU A 239 9.78 -15.93 -35.65
C GLU A 239 11.02 -16.66 -35.12
N ALA A 240 11.32 -16.47 -33.81
CA ALA A 240 12.43 -17.12 -33.12
C ALA A 240 12.18 -18.63 -32.95
N LEU A 241 10.91 -19.03 -32.69
CA LEU A 241 10.52 -20.44 -32.54
C LEU A 241 10.58 -21.19 -33.88
N ASN A 242 10.30 -20.48 -34.99
CA ASN A 242 10.31 -21.05 -36.34
C ASN A 242 11.55 -20.52 -37.11
N SER A 243 12.73 -21.11 -36.83
CA SER A 243 13.99 -20.72 -37.46
C SER A 243 14.66 -21.88 -38.21
N SER B 4 1.99 1.55 39.58
CA SER B 4 1.37 2.78 39.10
C SER B 4 -0.11 2.89 39.52
N GLU B 5 -0.76 4.00 39.10
CA GLU B 5 -2.16 4.31 39.37
C GLU B 5 -3.13 3.76 38.30
N LEU B 6 -2.58 3.26 37.17
CA LEU B 6 -3.35 2.74 36.04
C LEU B 6 -4.18 1.48 36.37
N PRO B 7 -3.67 0.42 37.05
CA PRO B 7 -4.55 -0.73 37.36
C PRO B 7 -5.80 -0.33 38.16
N GLN B 8 -5.68 0.66 39.09
CA GLN B 8 -6.84 1.13 39.87
C GLN B 8 -7.89 1.79 38.96
N MET B 9 -7.48 2.66 38.00
N MET B 9 -7.45 2.61 37.98
CA MET B 9 -8.48 3.29 37.11
CA MET B 9 -8.32 3.29 37.02
C MET B 9 -9.17 2.27 36.17
C MET B 9 -9.11 2.27 36.22
N VAL B 10 -8.41 1.24 35.70
CA VAL B 10 -8.96 0.14 34.88
C VAL B 10 -10.02 -0.63 35.70
N GLN B 11 -9.74 -0.90 37.00
CA GLN B 11 -10.66 -1.56 37.93
C GLN B 11 -11.93 -0.70 38.10
N GLN B 12 -11.74 0.63 38.21
CA GLN B 12 -12.83 1.60 38.43
C GLN B 12 -13.75 1.78 37.22
N LEU B 13 -13.38 1.22 36.04
CA LEU B 13 -14.23 1.24 34.85
C LEU B 13 -15.46 0.32 35.02
N ASN B 14 -15.45 -0.51 36.08
CA ASN B 14 -16.51 -1.45 36.43
C ASN B 14 -17.22 -1.03 37.75
N SER B 15 -16.95 0.19 38.25
CA SER B 15 -17.51 0.70 39.50
C SER B 15 -19.01 1.01 39.41
N PRO B 16 -19.82 0.64 40.43
CA PRO B 16 -21.27 0.96 40.39
C PRO B 16 -21.54 2.47 40.46
N ASP B 17 -20.64 3.19 41.18
CA ASP B 17 -20.66 4.64 41.36
C ASP B 17 -20.36 5.27 39.99
N GLN B 18 -21.38 5.94 39.39
CA GLN B 18 -21.25 6.58 38.08
C GLN B 18 -20.24 7.72 38.06
N GLN B 19 -20.09 8.43 39.20
CA GLN B 19 -19.11 9.51 39.36
C GLN B 19 -17.69 8.94 39.37
N GLU B 20 -17.50 7.77 40.03
CA GLU B 20 -16.20 7.10 40.09
C GLU B 20 -15.81 6.51 38.73
N LEU B 21 -16.79 5.94 37.99
CA LEU B 21 -16.61 5.38 36.65
C LEU B 21 -16.21 6.49 35.66
N GLN B 22 -16.96 7.60 35.64
N GLN B 22 -16.96 7.61 35.63
CA GLN B 22 -16.72 8.76 34.76
CA GLN B 22 -16.69 8.73 34.72
C GLN B 22 -15.37 9.42 35.02
C GLN B 22 -15.33 9.39 35.01
N SER B 23 -14.95 9.49 36.30
CA SER B 23 -13.65 10.06 36.72
C SER B 23 -12.47 9.24 36.19
N ALA B 24 -12.52 7.89 36.37
CA ALA B 24 -11.51 6.96 35.86
C ALA B 24 -11.46 6.99 34.33
N LEU B 25 -12.63 7.05 33.66
CA LEU B 25 -12.78 7.11 32.21
C LEU B 25 -12.12 8.39 31.67
N ARG B 26 -12.38 9.54 32.33
CA ARG B 26 -11.78 10.83 31.99
C ARG B 26 -10.26 10.80 32.13
N LYS B 27 -9.75 10.13 33.19
N LYS B 27 -9.74 10.17 33.20
CA LYS B 27 -8.32 9.95 33.47
CA LYS B 27 -8.30 10.06 33.43
C LYS B 27 -7.67 9.14 32.35
C LYS B 27 -7.65 9.20 32.34
N LEU B 28 -8.35 8.05 31.93
N LEU B 28 -8.30 8.10 31.94
CA LEU B 28 -7.92 7.15 30.85
CA LEU B 28 -7.80 7.21 30.88
C LEU B 28 -7.83 7.91 29.53
C LEU B 28 -7.83 7.87 29.50
N SER B 29 -8.86 8.73 29.22
CA SER B 29 -8.96 9.50 27.96
C SER B 29 -7.80 10.48 27.82
N GLN B 30 -7.44 11.19 28.91
N GLN B 30 -7.46 11.20 28.90
CA GLN B 30 -6.33 12.16 28.93
CA GLN B 30 -6.36 12.16 28.96
C GLN B 30 -5.00 11.46 28.66
C GLN B 30 -5.02 11.45 28.65
N ILE B 31 -4.83 10.22 29.19
CA ILE B 31 -3.63 9.41 28.96
C ILE B 31 -3.64 8.96 27.48
N ALA B 32 -4.80 8.51 26.98
CA ALA B 32 -4.95 8.07 25.57
C ALA B 32 -4.58 9.15 24.56
N SER B 33 -4.78 10.43 24.91
CA SER B 33 -4.49 11.56 24.03
C SER B 33 -3.06 12.11 24.20
N GLY B 34 -2.30 11.51 25.13
CA GLY B 34 -0.96 11.93 25.49
C GLY B 34 0.22 11.39 24.70
N GLY B 35 -0.07 10.74 23.58
CA GLY B 35 0.96 10.17 22.72
C GLY B 35 1.09 8.65 22.81
N ASN B 36 1.92 8.06 21.91
CA ASN B 36 2.14 6.61 21.76
C ASN B 36 2.71 5.93 23.01
N GLU B 37 3.64 6.59 23.73
CA GLU B 37 4.19 6.02 24.96
C GLU B 37 3.11 5.94 26.02
N GLN B 38 2.21 6.94 26.07
CA GLN B 38 1.09 6.95 27.01
C GLN B 38 0.07 5.86 26.64
N ILE B 39 -0.23 5.70 25.32
CA ILE B 39 -1.14 4.64 24.83
C ILE B 39 -0.58 3.27 25.24
N GLN B 40 0.76 3.09 25.14
CA GLN B 40 1.40 1.81 25.51
C GLN B 40 1.17 1.45 26.97
N LYS B 41 1.21 2.46 27.88
CA LYS B 41 0.95 2.27 29.31
C LYS B 41 -0.48 1.76 29.51
N LEU B 42 -1.45 2.29 28.73
CA LEU B 42 -2.85 1.86 28.77
C LEU B 42 -2.99 0.41 28.34
N ILE B 43 -2.30 0.04 27.26
CA ILE B 43 -2.30 -1.34 26.75
C ILE B 43 -1.75 -2.30 27.83
N GLU B 44 -0.58 -1.96 28.41
CA GLU B 44 0.08 -2.80 29.42
C GLU B 44 -0.69 -2.89 30.74
N ALA B 45 -1.64 -1.97 30.97
CA ALA B 45 -2.49 -1.99 32.17
C ALA B 45 -3.82 -2.73 31.92
N GLY B 46 -3.99 -3.26 30.72
CA GLY B 46 -5.16 -4.01 30.31
C GLY B 46 -6.41 -3.17 30.14
N ALA B 47 -6.24 -1.89 29.75
CA ALA B 47 -7.36 -0.98 29.60
C ALA B 47 -8.24 -1.19 28.38
N LEU B 48 -7.70 -1.78 27.31
CA LEU B 48 -8.42 -1.86 26.04
C LEU B 48 -9.74 -2.66 26.08
N SER B 49 -9.73 -3.90 26.63
N SER B 49 -9.73 -3.90 26.63
CA SER B 49 -10.94 -4.73 26.72
CA SER B 49 -10.95 -4.72 26.71
C SER B 49 -12.07 -4.03 27.51
C SER B 49 -12.07 -4.03 27.51
N PRO B 50 -11.83 -3.50 28.75
CA PRO B 50 -12.93 -2.83 29.49
C PRO B 50 -13.44 -1.56 28.79
N LEU B 51 -12.54 -0.83 28.12
N LEU B 51 -12.54 -0.82 28.11
CA LEU B 51 -12.90 0.39 27.38
CA LEU B 51 -12.90 0.39 27.37
C LEU B 51 -13.84 0.06 26.21
C LEU B 51 -13.86 0.06 26.22
N VAL B 52 -13.53 -1.01 25.45
CA VAL B 52 -14.38 -1.46 24.33
C VAL B 52 -15.79 -1.89 24.85
N LYS B 53 -15.85 -2.52 26.04
CA LYS B 53 -17.13 -2.93 26.63
C LYS B 53 -18.03 -1.75 26.98
N LEU B 54 -17.43 -0.58 27.27
CA LEU B 54 -18.17 0.65 27.59
C LEU B 54 -18.86 1.31 26.39
N LEU B 55 -18.53 0.87 25.15
CA LEU B 55 -19.17 1.42 23.94
C LEU B 55 -20.65 1.04 23.88
N ASP B 56 -21.04 -0.04 24.57
CA ASP B 56 -22.40 -0.57 24.65
C ASP B 56 -23.08 -0.26 26.00
N ASP B 57 -22.53 0.70 26.79
CA ASP B 57 -23.11 1.10 28.09
C ASP B 57 -24.46 1.82 27.94
N ALA B 58 -25.24 1.90 29.03
CA ALA B 58 -26.56 2.57 29.05
C ALA B 58 -26.47 4.09 29.24
N SER B 59 -25.24 4.62 29.50
CA SER B 59 -25.02 6.06 29.72
C SER B 59 -24.38 6.72 28.51
N GLU B 60 -25.04 7.77 27.97
CA GLU B 60 -24.54 8.54 26.80
C GLU B 60 -23.18 9.17 27.13
N GLU B 61 -23.04 9.72 28.35
CA GLU B 61 -21.80 10.35 28.81
C GLU B 61 -20.63 9.37 28.82
N VAL B 62 -20.89 8.11 29.25
CA VAL B 62 -19.89 7.03 29.27
C VAL B 62 -19.47 6.65 27.84
N ILE B 63 -20.44 6.38 26.95
CA ILE B 63 -20.18 6.00 25.55
C ILE B 63 -19.33 7.07 24.84
N GLN B 64 -19.72 8.37 24.96
N GLN B 64 -19.72 8.36 24.97
CA GLN B 64 -19.02 9.50 24.34
CA GLN B 64 -19.01 9.47 24.34
C GLN B 64 -17.54 9.54 24.77
C GLN B 64 -17.54 9.53 24.77
N GLU B 65 -17.27 9.41 26.07
CA GLU B 65 -15.89 9.46 26.59
C GLU B 65 -15.09 8.23 26.14
N ALA B 66 -15.74 7.04 26.16
CA ALA B 66 -15.10 5.79 25.76
C ALA B 66 -14.72 5.81 24.29
N VAL B 67 -15.62 6.30 23.40
CA VAL B 67 -15.31 6.35 21.97
C VAL B 67 -14.16 7.37 21.71
N TRP B 68 -14.13 8.50 22.47
CA TRP B 68 -13.06 9.51 22.39
C TRP B 68 -11.72 8.87 22.75
N ALA B 69 -11.69 8.07 23.86
CA ALA B 69 -10.48 7.37 24.30
C ALA B 69 -10.02 6.35 23.24
N ILE B 70 -10.97 5.56 22.69
CA ILE B 70 -10.68 4.57 21.65
C ILE B 70 -10.12 5.23 20.39
N ALA B 71 -10.71 6.36 19.96
CA ALA B 71 -10.23 7.10 18.78
C ALA B 71 -8.79 7.56 18.98
N ASN B 72 -8.46 7.99 20.21
CA ASN B 72 -7.09 8.42 20.52
C ASN B 72 -6.14 7.25 20.56
N ILE B 73 -6.56 6.11 21.11
CA ILE B 73 -5.71 4.91 21.11
C ILE B 73 -5.42 4.52 19.66
N ALA B 74 -6.46 4.60 18.79
CA ALA B 74 -6.33 4.27 17.37
C ALA B 74 -5.37 5.20 16.59
N SER B 75 -4.97 6.34 17.20
CA SER B 75 -4.01 7.30 16.62
C SER B 75 -2.56 6.83 16.87
N GLY B 76 -2.41 5.71 17.59
CA GLY B 76 -1.13 5.13 17.92
C GLY B 76 -0.49 4.44 16.73
N ASN B 77 0.61 3.71 16.99
CA ASN B 77 1.31 2.98 15.92
C ASN B 77 0.52 1.72 15.47
N ASN B 78 0.96 1.04 14.40
CA ASN B 78 0.22 -0.14 13.89
C ASN B 78 0.05 -1.27 14.89
N GLU B 79 1.08 -1.54 15.71
CA GLU B 79 1.00 -2.57 16.75
C GLU B 79 -0.10 -2.22 17.78
N GLN B 80 -0.26 -0.91 18.06
CA GLN B 80 -1.28 -0.42 19.01
C GLN B 80 -2.68 -0.52 18.40
N ILE B 81 -2.79 -0.25 17.09
CA ILE B 81 -4.06 -0.43 16.38
C ILE B 81 -4.42 -1.92 16.43
N GLN B 82 -3.40 -2.81 16.28
CA GLN B 82 -3.61 -4.26 16.31
C GLN B 82 -4.17 -4.70 17.66
N LYS B 83 -3.64 -4.15 18.76
CA LYS B 83 -4.16 -4.46 20.10
C LYS B 83 -5.63 -4.02 20.23
N LEU B 84 -5.98 -2.85 19.65
CA LEU B 84 -7.37 -2.36 19.67
C LEU B 84 -8.29 -3.32 18.88
N ILE B 85 -7.84 -3.82 17.73
CA ILE B 85 -8.60 -4.79 16.94
C ILE B 85 -8.78 -6.08 17.74
N GLU B 86 -7.69 -6.54 18.38
CA GLU B 86 -7.72 -7.77 19.18
C GLU B 86 -8.64 -7.65 20.39
N ALA B 87 -8.87 -6.41 20.86
CA ALA B 87 -9.79 -6.14 21.99
C ALA B 87 -11.28 -6.12 21.52
N GLY B 88 -11.50 -6.37 20.23
CA GLY B 88 -12.83 -6.43 19.64
C GLY B 88 -13.49 -5.08 19.43
N ALA B 89 -12.68 -4.06 19.14
CA ALA B 89 -13.21 -2.69 18.96
C ALA B 89 -14.01 -2.47 17.67
N LEU B 90 -13.71 -3.21 16.60
CA LEU B 90 -14.28 -2.89 15.29
C LEU B 90 -15.80 -3.05 15.18
N SER B 91 -16.36 -4.20 15.61
N SER B 91 -16.36 -4.19 15.60
CA SER B 91 -17.81 -4.44 15.57
CA SER B 91 -17.81 -4.41 15.52
C SER B 91 -18.61 -3.35 16.32
C SER B 91 -18.62 -3.36 16.32
N PRO B 92 -18.30 -3.03 17.61
CA PRO B 92 -19.05 -1.96 18.29
C PRO B 92 -18.87 -0.58 17.64
N LEU B 93 -17.65 -0.26 17.13
CA LEU B 93 -17.45 1.04 16.45
C LEU B 93 -18.32 1.14 15.19
N VAL B 94 -18.39 0.07 14.40
CA VAL B 94 -19.18 0.07 13.18
C VAL B 94 -20.68 0.22 13.55
N LYS B 95 -21.11 -0.44 14.65
CA LYS B 95 -22.49 -0.40 15.14
C LYS B 95 -22.90 1.02 15.54
N LEU B 96 -21.98 1.81 16.12
CA LEU B 96 -22.26 3.19 16.53
C LEU B 96 -22.70 4.05 15.35
N LEU B 97 -22.21 3.72 14.13
CA LEU B 97 -22.61 4.44 12.92
C LEU B 97 -24.12 4.28 12.59
N ASP B 98 -24.78 3.17 12.97
N ASP B 98 -24.77 3.16 12.98
CA ASP B 98 -26.19 2.93 12.62
CA ASP B 98 -26.18 2.89 12.65
C ASP B 98 -27.23 3.33 13.71
C ASP B 98 -27.22 3.28 13.72
N ASP B 99 -26.83 3.43 15.00
CA ASP B 99 -27.80 3.73 16.08
C ASP B 99 -27.49 4.91 17.05
N ALA B 100 -26.24 5.38 17.12
CA ALA B 100 -25.84 6.42 18.07
C ALA B 100 -26.22 7.86 17.69
N SER B 101 -25.94 8.84 18.60
CA SER B 101 -26.15 10.29 18.37
C SER B 101 -25.14 10.83 17.34
N GLU B 102 -25.41 12.03 16.77
CA GLU B 102 -24.50 12.64 15.79
C GLU B 102 -23.10 12.92 16.39
N GLU B 103 -23.06 13.25 17.68
CA GLU B 103 -21.79 13.50 18.38
C GLU B 103 -20.99 12.20 18.51
N VAL B 104 -21.66 11.09 18.83
CA VAL B 104 -21.00 9.78 18.97
C VAL B 104 -20.54 9.31 17.59
N ILE B 105 -21.42 9.45 16.57
CA ILE B 105 -21.11 9.06 15.17
C ILE B 105 -19.81 9.71 14.70
N GLN B 106 -19.65 11.03 14.92
CA GLN B 106 -18.44 11.74 14.52
C GLN B 106 -17.16 11.12 15.13
N GLU B 107 -17.17 10.80 16.44
N GLU B 107 -17.18 10.79 16.43
CA GLU B 107 -16.02 10.21 17.11
CA GLU B 107 -16.03 10.20 17.11
C GLU B 107 -15.75 8.77 16.67
C GLU B 107 -15.75 8.77 16.67
N ALA B 108 -16.82 8.00 16.35
CA ALA B 108 -16.70 6.63 15.84
C ALA B 108 -16.08 6.68 14.43
N VAL B 109 -16.47 7.69 13.61
CA VAL B 109 -15.89 7.84 12.27
C VAL B 109 -14.39 8.16 12.40
N TRP B 110 -14.03 9.06 13.33
N TRP B 110 -14.04 9.06 13.33
CA TRP B 110 -12.64 9.47 13.60
CA TRP B 110 -12.65 9.43 13.56
C TRP B 110 -11.81 8.27 14.09
C TRP B 110 -11.84 8.19 13.99
N ALA B 111 -12.41 7.37 14.92
CA ALA B 111 -11.74 6.14 15.37
C ALA B 111 -11.48 5.21 14.17
N ILE B 112 -12.50 5.03 13.33
CA ILE B 112 -12.40 4.16 12.15
C ILE B 112 -11.37 4.69 11.16
N ALA B 113 -11.35 6.02 10.95
CA ALA B 113 -10.38 6.64 10.04
C ALA B 113 -8.96 6.38 10.52
N ASN B 114 -8.73 6.46 11.84
CA ASN B 114 -7.43 6.20 12.42
C ASN B 114 -7.03 4.75 12.23
N ILE B 115 -7.96 3.79 12.50
CA ILE B 115 -7.66 2.38 12.30
C ILE B 115 -7.32 2.13 10.81
N ALA B 116 -8.06 2.81 9.89
CA ALA B 116 -7.84 2.70 8.44
C ALA B 116 -6.48 3.25 8.00
N SER B 117 -5.79 4.03 8.86
CA SER B 117 -4.45 4.53 8.56
C SER B 117 -3.37 3.46 8.84
N GLY B 118 -3.80 2.30 9.34
CA GLY B 118 -2.92 1.18 9.66
C GLY B 118 -2.49 0.44 8.41
N ASN B 119 -2.10 -0.83 8.57
CA ASN B 119 -1.63 -1.61 7.43
C ASN B 119 -2.84 -2.23 6.67
N ASN B 120 -2.58 -2.85 5.49
CA ASN B 120 -3.67 -3.43 4.69
C ASN B 120 -4.46 -4.53 5.41
N GLU B 121 -3.81 -5.32 6.28
CA GLU B 121 -4.55 -6.35 7.03
C GLU B 121 -5.57 -5.70 7.98
N GLN B 122 -5.23 -4.52 8.53
CA GLN B 122 -6.12 -3.80 9.45
C GLN B 122 -7.28 -3.17 8.68
N ILE B 123 -7.00 -2.64 7.47
CA ILE B 123 -8.07 -2.15 6.58
C ILE B 123 -9.00 -3.34 6.28
N GLN B 124 -8.41 -4.53 6.01
CA GLN B 124 -9.22 -5.72 5.74
C GLN B 124 -10.17 -6.04 6.88
N LYS B 125 -9.71 -5.87 8.13
CA LYS B 125 -10.55 -6.13 9.30
C LYS B 125 -11.75 -5.17 9.37
N LEU B 126 -11.54 -3.89 8.95
CA LEU B 126 -12.61 -2.88 8.88
C LEU B 126 -13.64 -3.31 7.85
N ILE B 127 -13.15 -3.76 6.67
CA ILE B 127 -14.04 -4.23 5.60
C ILE B 127 -14.87 -5.40 6.10
N GLU B 128 -14.21 -6.37 6.78
CA GLU B 128 -14.89 -7.55 7.31
C GLU B 128 -15.91 -7.15 8.39
N ALA B 129 -15.63 -6.07 9.12
CA ALA B 129 -16.54 -5.56 10.15
C ALA B 129 -17.75 -4.81 9.56
N GLY B 130 -17.78 -4.65 8.25
CA GLY B 130 -18.86 -3.99 7.51
C GLY B 130 -18.83 -2.47 7.58
N ALA B 131 -17.62 -1.88 7.70
CA ALA B 131 -17.53 -0.43 7.79
C ALA B 131 -17.88 0.33 6.51
N LEU B 132 -17.67 -0.29 5.33
CA LEU B 132 -17.83 0.46 4.08
C LEU B 132 -19.21 1.02 3.83
N SER B 133 -20.26 0.19 3.96
CA SER B 133 -21.65 0.63 3.71
C SER B 133 -22.04 1.87 4.56
N PRO B 134 -21.93 1.86 5.92
CA PRO B 134 -22.28 3.09 6.66
C PRO B 134 -21.39 4.29 6.35
N LEU B 135 -20.08 4.09 6.07
CA LEU B 135 -19.20 5.22 5.74
C LEU B 135 -19.61 5.88 4.43
N VAL B 136 -19.92 5.06 3.40
CA VAL B 136 -20.37 5.62 2.12
C VAL B 136 -21.68 6.39 2.31
N LYS B 137 -22.59 5.88 3.16
CA LYS B 137 -23.87 6.53 3.43
C LYS B 137 -23.68 7.91 4.08
N LEU B 138 -22.62 8.06 4.88
CA LEU B 138 -22.29 9.32 5.56
C LEU B 138 -21.79 10.44 4.62
N LEU B 139 -21.40 10.10 3.38
CA LEU B 139 -20.91 11.08 2.40
C LEU B 139 -22.03 12.03 1.93
N ASP B 140 -23.30 11.62 2.11
CA ASP B 140 -24.50 12.36 1.72
C ASP B 140 -25.40 12.67 2.92
N ASP B 141 -25.81 11.63 3.67
CA ASP B 141 -26.74 11.74 4.80
C ASP B 141 -26.05 12.04 6.14
N ALA B 142 -25.48 13.26 6.26
CA ALA B 142 -24.78 13.75 7.45
C ALA B 142 -24.47 15.25 7.34
N SER B 143 -24.05 15.87 8.48
CA SER B 143 -23.62 17.27 8.56
C SER B 143 -22.29 17.42 7.82
N GLU B 144 -21.89 18.65 7.43
CA GLU B 144 -20.64 18.88 6.71
C GLU B 144 -19.40 18.44 7.49
N GLU B 145 -19.43 18.52 8.84
CA GLU B 145 -18.32 18.10 9.69
C GLU B 145 -18.18 16.55 9.66
N VAL B 146 -19.32 15.82 9.69
CA VAL B 146 -19.30 14.34 9.63
C VAL B 146 -18.81 13.90 8.25
N ILE B 147 -19.27 14.60 7.16
CA ILE B 147 -18.84 14.31 5.78
C ILE B 147 -17.31 14.38 5.71
N GLN B 148 -16.71 15.45 6.28
CA GLN B 148 -15.26 15.62 6.26
C GLN B 148 -14.51 14.43 6.88
N GLU B 149 -15.01 13.93 8.04
CA GLU B 149 -14.41 12.77 8.70
C GLU B 149 -14.62 11.50 7.85
N ALA B 150 -15.85 11.33 7.29
CA ALA B 150 -16.16 10.15 6.46
C ALA B 150 -15.28 10.04 5.19
N VAL B 151 -15.06 11.16 4.48
N VAL B 151 -15.01 11.17 4.49
CA VAL B 151 -14.23 11.16 3.26
CA VAL B 151 -14.12 11.14 3.31
C VAL B 151 -12.79 10.77 3.62
C VAL B 151 -12.70 10.78 3.69
N TRP B 152 -12.29 11.25 4.77
N TRP B 152 -12.26 11.25 4.89
CA TRP B 152 -10.93 10.92 5.19
CA TRP B 152 -10.93 10.97 5.40
C TRP B 152 -10.83 9.41 5.50
C TRP B 152 -10.79 9.46 5.64
N ALA B 153 -11.84 8.84 6.22
CA ALA B 153 -11.86 7.38 6.50
C ALA B 153 -11.83 6.60 5.16
N ILE B 154 -12.68 6.98 4.18
N ILE B 154 -12.69 7.01 4.19
CA ILE B 154 -12.73 6.32 2.88
CA ILE B 154 -12.77 6.42 2.85
C ILE B 154 -11.40 6.50 2.11
C ILE B 154 -11.42 6.52 2.12
N ALA B 155 -10.76 7.69 2.20
CA ALA B 155 -9.47 7.94 1.54
C ALA B 155 -8.39 7.00 2.09
N ASN B 156 -8.40 6.77 3.41
CA ASN B 156 -7.48 5.87 4.07
C ASN B 156 -7.73 4.43 3.61
N ILE B 157 -9.01 4.00 3.48
CA ILE B 157 -9.35 2.66 2.98
C ILE B 157 -8.89 2.53 1.51
N ALA B 158 -9.07 3.62 0.72
CA ALA B 158 -8.64 3.70 -0.68
C ALA B 158 -7.11 3.58 -0.85
N SER B 159 -6.35 3.81 0.24
N SER B 159 -6.36 3.80 0.25
CA SER B 159 -4.88 3.68 0.22
CA SER B 159 -4.90 3.68 0.27
C SER B 159 -4.44 2.21 0.35
C SER B 159 -4.45 2.22 0.44
N GLY B 160 -5.42 1.31 0.52
CA GLY B 160 -5.18 -0.13 0.64
C GLY B 160 -4.84 -0.76 -0.70
N ASN B 161 -4.92 -2.09 -0.78
CA ASN B 161 -4.60 -2.80 -2.02
C ASN B 161 -5.77 -2.71 -3.02
N ASN B 162 -5.58 -3.23 -4.26
CA ASN B 162 -6.63 -3.16 -5.27
C ASN B 162 -7.92 -3.89 -4.90
N GLU B 163 -7.83 -5.00 -4.13
CA GLU B 163 -9.04 -5.76 -3.72
C GLU B 163 -9.88 -4.92 -2.75
N GLN B 164 -9.21 -4.07 -1.97
CA GLN B 164 -9.87 -3.19 -1.01
C GLN B 164 -10.52 -2.02 -1.74
N ILE B 165 -9.82 -1.45 -2.75
CA ILE B 165 -10.37 -0.42 -3.64
C ILE B 165 -11.64 -1.00 -4.29
N GLN B 166 -11.59 -2.29 -4.70
CA GLN B 166 -12.73 -2.98 -5.31
C GLN B 166 -13.93 -3.01 -4.37
N LYS B 167 -13.71 -3.31 -3.09
CA LYS B 167 -14.79 -3.32 -2.10
C LYS B 167 -15.43 -1.94 -1.98
N LEU B 168 -14.60 -0.86 -2.03
CA LEU B 168 -15.09 0.52 -1.96
C LEU B 168 -15.98 0.82 -3.18
N ILE B 169 -15.55 0.40 -4.38
CA ILE B 169 -16.34 0.62 -5.60
C ILE B 169 -17.69 -0.12 -5.48
N GLU B 170 -17.65 -1.38 -5.01
CA GLU B 170 -18.86 -2.17 -4.81
C GLU B 170 -19.80 -1.56 -3.75
N ALA B 171 -19.24 -0.78 -2.79
CA ALA B 171 -20.06 -0.13 -1.76
C ALA B 171 -20.72 1.17 -2.32
N GLY B 172 -20.41 1.51 -3.57
CA GLY B 172 -20.93 2.68 -4.27
C GLY B 172 -20.26 3.98 -3.90
N ALA B 173 -18.96 3.93 -3.57
CA ALA B 173 -18.23 5.13 -3.16
C ALA B 173 -17.92 6.11 -4.29
N LEU B 174 -17.81 5.63 -5.54
CA LEU B 174 -17.34 6.52 -6.60
C LEU B 174 -18.21 7.75 -6.91
N SER B 175 -19.53 7.55 -7.11
N SER B 175 -19.53 7.56 -7.11
CA SER B 175 -20.45 8.66 -7.40
CA SER B 175 -20.43 8.68 -7.41
C SER B 175 -20.43 9.76 -6.31
C SER B 175 -20.44 9.77 -6.31
N PRO B 176 -20.63 9.46 -4.99
CA PRO B 176 -20.55 10.54 -3.98
C PRO B 176 -19.16 11.18 -3.87
N LEU B 177 -18.08 10.42 -4.14
CA LEU B 177 -16.71 11.00 -4.09
C LEU B 177 -16.49 12.03 -5.21
N VAL B 178 -16.91 11.69 -6.44
CA VAL B 178 -16.80 12.60 -7.58
C VAL B 178 -17.62 13.89 -7.29
N LYS B 179 -18.82 13.76 -6.67
CA LYS B 179 -19.68 14.89 -6.31
C LYS B 179 -18.96 15.80 -5.31
N LEU B 180 -18.18 15.20 -4.40
CA LEU B 180 -17.42 15.93 -3.38
C LEU B 180 -16.16 16.63 -3.93
N LEU B 181 -15.79 16.39 -5.21
CA LEU B 181 -14.65 17.06 -5.85
C LEU B 181 -14.97 18.54 -6.10
N ASP B 182 -16.27 18.88 -6.10
CA ASP B 182 -16.75 20.25 -6.25
C ASP B 182 -17.63 20.64 -5.06
N ASP B 183 -17.28 20.12 -3.87
CA ASP B 183 -17.99 20.46 -2.63
C ASP B 183 -17.67 21.91 -2.26
N ALA B 184 -18.56 22.55 -1.50
CA ALA B 184 -18.38 23.94 -1.04
C ALA B 184 -17.17 24.13 -0.11
N SER B 185 -16.67 23.04 0.53
CA SER B 185 -15.54 23.08 1.47
C SER B 185 -14.22 22.52 0.90
N GLU B 186 -13.15 23.37 0.89
CA GLU B 186 -11.81 23.02 0.40
C GLU B 186 -11.19 21.80 1.12
N GLU B 187 -11.49 21.62 2.42
N GLU B 187 -11.46 21.63 2.43
CA GLU B 187 -11.02 20.51 3.24
CA GLU B 187 -10.93 20.47 3.18
C GLU B 187 -11.61 19.19 2.76
C GLU B 187 -11.61 19.15 2.77
N VAL B 188 -12.90 19.22 2.34
CA VAL B 188 -13.63 18.05 1.83
C VAL B 188 -13.03 17.68 0.44
N ILE B 189 -12.78 18.70 -0.41
CA ILE B 189 -12.19 18.53 -1.75
C ILE B 189 -10.82 17.86 -1.61
N GLN B 190 -9.98 18.33 -0.65
CA GLN B 190 -8.66 17.77 -0.36
C GLN B 190 -8.71 16.28 -0.12
N GLU B 191 -9.64 15.80 0.74
CA GLU B 191 -9.75 14.37 1.02
C GLU B 191 -10.32 13.62 -0.17
N ALA B 192 -11.37 14.17 -0.81
CA ALA B 192 -12.00 13.55 -1.98
C ALA B 192 -11.01 13.36 -3.13
N VAL B 193 -10.17 14.38 -3.43
CA VAL B 193 -9.17 14.28 -4.51
C VAL B 193 -8.10 13.23 -4.17
N TRP B 194 -7.70 13.10 -2.85
CA TRP B 194 -6.72 12.09 -2.43
CA TRP B 194 -6.72 12.09 -2.48
C TRP B 194 -7.28 10.68 -2.65
N ALA B 195 -8.55 10.45 -2.23
CA ALA B 195 -9.25 9.17 -2.37
C ALA B 195 -9.35 8.82 -3.86
N ILE B 196 -9.75 9.82 -4.70
CA ILE B 196 -9.85 9.61 -6.14
C ILE B 196 -8.46 9.28 -6.76
N ALA B 197 -7.40 9.98 -6.33
CA ALA B 197 -6.03 9.73 -6.81
C ALA B 197 -5.59 8.29 -6.45
N ASN B 198 -5.97 7.81 -5.24
CA ASN B 198 -5.69 6.46 -4.74
C ASN B 198 -6.43 5.41 -5.57
N ILE B 199 -7.74 5.65 -5.84
CA ILE B 199 -8.55 4.76 -6.69
C ILE B 199 -8.01 4.72 -8.13
N ALA B 200 -7.50 5.86 -8.62
CA ALA B 200 -6.92 6.01 -9.96
C ALA B 200 -5.63 5.20 -10.12
N SER B 201 -4.93 4.90 -9.01
CA SER B 201 -3.72 4.08 -9.05
C SER B 201 -4.05 2.56 -9.07
N GLY B 202 -5.34 2.24 -9.11
CA GLY B 202 -5.85 0.86 -9.18
C GLY B 202 -5.64 0.21 -10.53
N ASN B 203 -6.37 -0.89 -10.79
CA ASN B 203 -6.27 -1.62 -12.05
C ASN B 203 -7.09 -0.94 -13.17
N ASN B 204 -6.96 -1.42 -14.42
CA ASN B 204 -7.67 -0.84 -15.57
C ASN B 204 -9.20 -0.87 -15.43
N GLU B 205 -9.77 -1.94 -14.84
CA GLU B 205 -11.23 -2.04 -14.63
C GLU B 205 -11.72 -0.98 -13.64
N GLN B 206 -10.90 -0.69 -12.62
CA GLN B 206 -11.21 0.32 -11.61
C GLN B 206 -11.11 1.73 -12.19
N ILE B 207 -10.11 1.97 -13.07
CA ILE B 207 -9.94 3.24 -13.78
C ILE B 207 -11.18 3.49 -14.68
N GLN B 208 -11.68 2.42 -15.33
CA GLN B 208 -12.88 2.48 -16.16
C GLN B 208 -14.11 2.86 -15.32
N LYS B 209 -14.23 2.32 -14.09
CA LYS B 209 -15.33 2.66 -13.19
C LYS B 209 -15.26 4.13 -12.77
N LEU B 210 -14.03 4.67 -12.57
CA LEU B 210 -13.79 6.08 -12.25
C LEU B 210 -14.24 6.95 -13.42
N GLU B 211 -13.91 6.53 -14.67
N GLU B 211 -13.91 6.53 -14.67
CA GLU B 211 -14.30 7.26 -15.88
CA GLU B 211 -14.30 7.24 -15.90
C GLU B 211 -15.83 7.32 -15.98
C GLU B 211 -15.82 7.33 -15.98
N GLU B 212 -16.52 6.19 -15.73
CA GLU B 212 -17.98 6.10 -15.77
C GLU B 212 -18.64 6.96 -14.71
N ALA B 213 -17.96 7.17 -13.56
CA ALA B 213 -18.45 8.02 -12.48
C ALA B 213 -18.29 9.54 -12.78
N GLY B 214 -17.69 9.86 -13.92
CA GLY B 214 -17.50 11.25 -14.35
C GLY B 214 -16.37 11.97 -13.65
N ALA B 215 -15.30 11.25 -13.28
CA ALA B 215 -14.14 11.81 -12.58
C ALA B 215 -13.35 12.82 -13.43
N GLU B 216 -13.13 12.52 -14.73
CA GLU B 216 -12.34 13.36 -15.64
C GLU B 216 -12.83 14.83 -15.69
N PRO B 217 -14.10 15.18 -16.05
CA PRO B 217 -14.49 16.61 -16.03
C PRO B 217 -14.36 17.28 -14.67
N ALA B 218 -14.62 16.52 -13.57
CA ALA B 218 -14.51 17.03 -12.20
C ALA B 218 -13.04 17.34 -11.84
N LEU B 219 -12.10 16.46 -12.23
CA LEU B 219 -10.66 16.64 -11.97
C LEU B 219 -10.06 17.76 -12.82
N GLU B 220 -10.58 17.94 -14.05
N GLU B 220 -10.58 17.94 -14.05
CA GLU B 220 -10.14 18.97 -15.00
CA GLU B 220 -10.14 18.98 -14.99
C GLU B 220 -10.40 20.37 -14.43
C GLU B 220 -10.40 20.38 -14.45
N LYS B 221 -11.51 20.54 -13.70
CA LYS B 221 -11.90 21.79 -13.05
C LYS B 221 -10.91 22.07 -11.89
N LEU B 222 -10.34 21.00 -11.28
CA LEU B 222 -9.37 21.07 -10.17
C LEU B 222 -7.89 21.22 -10.62
N GLN B 223 -7.63 21.23 -11.95
N GLN B 223 -7.64 21.23 -11.95
CA GLN B 223 -6.28 21.41 -12.51
CA GLN B 223 -6.29 21.39 -12.52
C GLN B 223 -5.75 22.81 -12.23
C GLN B 223 -5.75 22.80 -12.27
N SER B 224 -6.64 23.80 -12.21
CA SER B 224 -6.33 25.21 -11.93
C SER B 224 -6.81 25.54 -10.51
N SER B 225 -6.16 24.91 -9.49
CA SER B 225 -6.49 25.07 -8.07
C SER B 225 -5.30 25.66 -7.28
N PRO B 226 -5.56 26.65 -6.37
CA PRO B 226 -4.47 27.25 -5.59
C PRO B 226 -3.76 26.31 -4.60
N ASN B 227 -4.41 25.19 -4.21
CA ASN B 227 -3.84 24.19 -3.29
C ASN B 227 -2.87 23.28 -4.05
N GLU B 228 -1.62 23.16 -3.56
CA GLU B 228 -0.55 22.36 -4.19
C GLU B 228 -0.80 20.85 -4.16
N GLU B 229 -1.25 20.31 -3.01
CA GLU B 229 -1.54 18.88 -2.85
C GLU B 229 -2.72 18.46 -3.74
N VAL B 230 -3.78 19.31 -3.81
CA VAL B 230 -4.98 19.09 -4.64
C VAL B 230 -4.56 19.04 -6.11
N GLN B 231 -3.68 19.98 -6.54
N GLN B 231 -3.68 19.99 -6.55
CA GLN B 231 -3.16 20.09 -7.90
CA GLN B 231 -3.17 20.08 -7.92
C GLN B 231 -2.40 18.83 -8.32
C GLN B 231 -2.42 18.80 -8.31
N LYS B 232 -1.50 18.34 -7.44
CA LYS B 232 -0.68 17.12 -7.64
C LYS B 232 -1.55 15.87 -7.76
N ASN B 233 -2.57 15.76 -6.89
CA ASN B 233 -3.51 14.63 -6.89
C ASN B 233 -4.43 14.66 -8.10
N ALA B 234 -4.96 15.85 -8.45
CA ALA B 234 -5.85 16.02 -9.60
C ALA B 234 -5.13 15.64 -10.90
N GLN B 235 -3.85 16.06 -11.04
N GLN B 235 -3.86 16.07 -11.07
CA GLN B 235 -3.01 15.80 -12.21
CA GLN B 235 -3.08 15.76 -12.26
C GLN B 235 -2.67 14.31 -12.33
C GLN B 235 -2.70 14.27 -12.34
N ALA B 236 -2.33 13.66 -11.19
CA ALA B 236 -1.97 12.23 -11.09
C ALA B 236 -3.16 11.36 -11.51
N ALA B 237 -4.38 11.68 -10.98
CA ALA B 237 -5.59 10.96 -11.33
C ALA B 237 -5.95 11.14 -12.80
N LEU B 238 -5.71 12.34 -13.37
CA LEU B 238 -5.97 12.62 -14.79
C LEU B 238 -5.01 11.88 -15.70
N GLU B 239 -3.72 11.80 -15.31
CA GLU B 239 -2.66 11.08 -16.03
C GLU B 239 -3.04 9.60 -16.15
N ALA B 240 -3.54 9.00 -15.05
CA ALA B 240 -4.00 7.61 -14.97
C ALA B 240 -5.25 7.37 -15.85
N LEU B 241 -6.17 8.36 -15.90
CA LEU B 241 -7.40 8.27 -16.71
C LEU B 241 -7.10 8.37 -18.21
N ASN B 242 -5.98 9.02 -18.59
CA ASN B 242 -5.59 9.21 -19.98
C ASN B 242 -4.34 8.41 -20.39
N SER B 243 -3.84 7.51 -19.51
CA SER B 243 -2.67 6.67 -19.77
C SER B 243 -2.93 5.61 -20.84
N ARG C 2 17.81 -9.63 -31.07
CA ARG C 2 17.48 -8.22 -30.87
C ARG C 2 17.78 -7.73 -29.44
N LYS C 3 17.43 -6.46 -29.13
CA LYS C 3 17.64 -5.88 -27.80
C LYS C 3 16.68 -6.48 -26.80
N ARG C 4 17.24 -6.97 -25.70
CA ARG C 4 16.49 -7.63 -24.64
C ARG C 4 15.96 -6.65 -23.59
N LYS C 5 16.76 -5.63 -23.22
CA LYS C 5 16.44 -4.65 -22.17
C LYS C 5 15.45 -3.53 -22.56
N ARG C 6 14.75 -2.96 -21.55
CA ARG C 6 13.81 -1.83 -21.63
C ARG C 6 14.12 -0.82 -20.51
N LYS C 7 13.76 0.48 -20.73
CA LYS C 7 13.95 1.58 -19.77
C LYS C 7 12.93 2.69 -19.97
N LYS D 1 13.49 -2.41 -17.23
CA LYS D 1 12.34 -1.55 -17.04
C LYS D 1 12.30 -0.96 -15.62
N ARG D 2 12.61 0.34 -15.49
N ARG D 2 12.56 0.36 -15.52
CA ARG D 2 12.61 1.05 -14.20
CA ARG D 2 12.57 1.14 -14.29
C ARG D 2 11.31 1.80 -13.98
C ARG D 2 11.21 1.76 -14.03
N LYS D 3 10.71 1.65 -12.79
CA LYS D 3 9.42 2.25 -12.41
C LYS D 3 9.44 2.92 -11.04
N ARG D 4 8.71 4.04 -10.93
N ARG D 4 8.72 4.05 -10.93
CA ARG D 4 8.56 4.81 -9.70
CA ARG D 4 8.57 4.83 -9.70
C ARG D 4 7.08 5.17 -9.52
C ARG D 4 7.08 5.18 -9.53
N LYS D 5 6.47 4.71 -8.42
CA LYS D 5 5.06 4.95 -8.10
C LYS D 5 4.87 5.83 -6.88
N ARG D 6 3.76 6.59 -6.82
CA ARG D 6 3.42 7.45 -5.68
C ARG D 6 2.90 6.56 -4.54
N LYS D 7 3.23 6.91 -3.28
CA LYS D 7 2.71 6.15 -2.14
C LYS D 7 1.24 6.45 -1.92
N ARG D 8 0.43 5.38 -1.82
CA ARG D 8 -1.01 5.50 -1.60
C ARG D 8 -1.30 6.04 -0.20
N LYS D 9 -0.48 5.67 0.80
CA LYS D 9 -0.65 6.05 2.20
C LYS D 9 0.04 7.34 2.61
N ARG D 10 -0.63 8.16 3.44
CA ARG D 10 -0.10 9.43 3.95
C ARG D 10 0.61 9.22 5.28
#